data_7Q9V
#
_entry.id   7Q9V
#
_cell.length_a   50.699
_cell.length_b   68.738
_cell.length_c   116.881
_cell.angle_alpha   90.000
_cell.angle_beta   90.000
_cell.angle_gamma   90.000
#
_symmetry.space_group_name_H-M   'I 2 2 2'
#
loop_
_entity.id
_entity.type
_entity.pdbx_description
1 polymer 'Cholinephosphate cytidylyltransferase'
2 non-polymer Guanidinium
3 non-polymer 1,3-oxazol-4-ylmethanamine
4 water water
#
_entity_poly.entity_id   1
_entity_poly.type   'polypeptide(L)'
_entity_poly.pdbx_seq_one_letter_code
;GHMAVPDDDDDDDNSNDESEYESSQMDSEKNKGSIKNSKNVVIYADGVYDMLHLGHMKQLEQAKKLFENTTLIVGVTSDN
ETKLFKGQVVQTLEERTETLKHIRWVDEIISPCPWVVTPEFLEKYKIDYVAHDDIPYANNQKEDIYAWLKRAGKFKATQR
TEGVSTTDLIVRILKNYEDY
;
_entity_poly.pdbx_strand_id   A
#
loop_
_chem_comp.id
_chem_comp.type
_chem_comp.name
_chem_comp.formula
9OI non-polymer 1,3-oxazol-4-ylmethanamine 'C4 H6 N2 O'
GZ6 non-polymer Guanidinium 'C H6 N3 1'
#
# COMPACT_ATOMS: atom_id res chain seq x y z
N SER A 38 6.25 -22.41 11.36
CA SER A 38 5.74 -22.63 10.01
C SER A 38 6.63 -21.95 8.96
N LYS A 39 6.47 -22.36 7.71
CA LYS A 39 7.38 -21.89 6.68
C LYS A 39 6.99 -20.48 6.22
N ASN A 40 7.97 -19.79 5.63
CA ASN A 40 7.81 -18.38 5.34
C ASN A 40 6.91 -18.17 4.13
N VAL A 41 6.03 -17.17 4.24
CA VAL A 41 5.04 -16.85 3.23
C VAL A 41 5.34 -15.45 2.71
N VAL A 42 5.44 -15.30 1.39
CA VAL A 42 5.76 -14.01 0.79
C VAL A 42 4.46 -13.31 0.42
N ILE A 43 4.26 -12.13 1.01
CA ILE A 43 3.07 -11.30 0.82
C ILE A 43 3.46 -10.06 0.04
N TYR A 44 2.62 -9.67 -0.92
CA TYR A 44 2.83 -8.45 -1.70
C TYR A 44 1.65 -7.53 -1.48
N ALA A 45 1.93 -6.27 -1.18
CA ALA A 45 0.93 -5.20 -1.11
C ALA A 45 1.45 -4.04 -1.93
N ASP A 46 0.55 -3.27 -2.53
CA ASP A 46 1.04 -2.09 -3.25
C ASP A 46 0.09 -0.91 -3.05
N GLY A 47 0.58 0.25 -3.45
CA GLY A 47 -0.19 1.46 -3.28
C GLY A 47 0.66 2.68 -3.59
N VAL A 48 0.05 3.84 -3.33
CA VAL A 48 0.71 5.13 -3.56
C VAL A 48 1.53 5.54 -2.34
N TYR A 49 0.94 5.42 -1.14
CA TYR A 49 1.62 5.78 0.10
C TYR A 49 2.05 7.25 0.09
N ASP A 50 1.19 8.10 -0.45
CA ASP A 50 1.41 9.54 -0.36
C ASP A 50 1.08 10.01 1.06
N MET A 51 1.89 10.92 1.60
CA MET A 51 1.63 11.47 2.93
C MET A 51 1.31 10.37 3.94
N LEU A 52 2.23 9.41 4.05
CA LEU A 52 2.02 8.19 4.82
C LEU A 52 1.41 8.47 6.18
N HIS A 53 0.34 7.74 6.49
CA HIS A 53 -0.41 7.99 7.71
C HIS A 53 -0.76 6.67 8.38
N LEU A 54 -1.40 6.79 9.55
CA LEU A 54 -1.72 5.63 10.36
C LEU A 54 -2.53 4.60 9.59
N GLY A 55 -3.41 5.03 8.66
CA GLY A 55 -4.20 4.07 7.92
C GLY A 55 -3.34 3.18 7.04
N HIS A 56 -2.36 3.77 6.36
CA HIS A 56 -1.38 2.98 5.62
C HIS A 56 -0.67 2.02 6.54
N MET A 57 -0.24 2.53 7.69
CA MET A 57 0.55 1.68 8.56
C MET A 57 -0.24 0.49 9.09
N LYS A 58 -1.51 0.71 9.42
CA LYS A 58 -2.35 -0.39 9.88
C LYS A 58 -2.56 -1.40 8.77
N GLN A 59 -2.74 -0.95 7.52
CA GLN A 59 -2.95 -1.89 6.43
C GLN A 59 -1.69 -2.70 6.16
N LEU A 60 -0.53 -2.07 6.26
CA LEU A 60 0.73 -2.80 6.10
C LEU A 60 0.91 -3.82 7.22
N GLU A 61 0.60 -3.42 8.45
CA GLU A 61 0.66 -4.35 9.58
C GLU A 61 -0.24 -5.56 9.33
N GLN A 62 -1.47 -5.31 8.86
CA GLN A 62 -2.37 -6.41 8.58
C GLN A 62 -1.80 -7.36 7.53
N ALA A 63 -1.27 -6.82 6.44
CA ALA A 63 -0.65 -7.68 5.43
C ALA A 63 0.50 -8.48 6.03
N LYS A 64 1.36 -7.82 6.80
CA LYS A 64 2.50 -8.52 7.40
C LYS A 64 2.08 -9.68 8.30
N LYS A 65 0.92 -9.56 8.95
CA LYS A 65 0.48 -10.54 9.93
C LYS A 65 -0.55 -11.51 9.38
N LEU A 66 -0.73 -11.56 8.06
CA LEU A 66 -1.65 -12.54 7.49
C LEU A 66 -1.27 -13.97 7.85
N PHE A 67 0.03 -14.24 8.05
CA PHE A 67 0.52 -15.54 8.46
C PHE A 67 1.57 -15.37 9.54
N GLU A 68 1.88 -16.47 10.24
CA GLU A 68 2.83 -16.45 11.34
C GLU A 68 4.19 -15.91 10.89
N ASN A 69 4.68 -16.40 9.76
CA ASN A 69 6.04 -16.09 9.30
C ASN A 69 5.91 -15.58 7.88
N THR A 70 6.16 -14.28 7.68
CA THR A 70 6.03 -13.71 6.35
C THR A 70 7.23 -12.87 5.98
N THR A 71 7.34 -12.63 4.69
CA THR A 71 8.10 -11.51 4.13
C THR A 71 7.10 -10.60 3.46
N LEU A 72 7.02 -9.35 3.91
CA LEU A 72 6.11 -8.39 3.27
C LEU A 72 6.89 -7.54 2.28
N ILE A 73 6.52 -7.65 1.01
CA ILE A 73 7.04 -6.82 -0.07
C ILE A 73 6.02 -5.75 -0.39
N VAL A 74 6.45 -4.49 -0.44
CA VAL A 74 5.54 -3.38 -0.71
C VAL A 74 5.92 -2.74 -2.04
N GLY A 75 4.96 -2.61 -2.95
CA GLY A 75 5.19 -1.94 -4.22
C GLY A 75 4.67 -0.52 -4.14
N VAL A 76 5.49 0.43 -4.63
CA VAL A 76 5.16 1.85 -4.57
C VAL A 76 4.96 2.35 -5.98
N THR A 77 3.76 2.88 -6.27
CA THR A 77 3.42 3.18 -7.66
C THR A 77 4.15 4.41 -8.16
N SER A 78 4.41 4.41 -9.47
CA SER A 78 5.17 5.49 -10.08
C SER A 78 4.40 6.80 -10.06
N ASP A 79 5.15 7.91 -10.06
CA ASP A 79 4.51 9.22 -10.19
C ASP A 79 3.65 9.31 -11.45
N ASN A 80 4.21 8.96 -12.61
CA ASN A 80 3.49 9.18 -13.86
CA ASN A 80 3.48 9.21 -13.84
C ASN A 80 2.22 8.36 -13.93
N GLU A 81 2.28 7.08 -13.54
CA GLU A 81 1.11 6.22 -13.67
C GLU A 81 0.05 6.56 -12.63
N THR A 82 0.46 6.86 -11.40
CA THR A 82 -0.52 7.27 -10.40
C THR A 82 -1.27 8.51 -10.86
N LYS A 83 -0.53 9.53 -11.32
CA LYS A 83 -1.19 10.77 -11.71
C LYS A 83 -2.10 10.56 -12.92
N LEU A 84 -1.69 9.68 -13.84
CA LEU A 84 -2.45 9.51 -15.07
C LEU A 84 -3.70 8.67 -14.84
N PHE A 85 -3.60 7.64 -14.01
CA PHE A 85 -4.66 6.66 -13.85
C PHE A 85 -5.49 6.84 -12.59
N LYS A 86 -4.97 7.50 -11.56
CA LYS A 86 -5.64 7.49 -10.27
C LYS A 86 -5.93 8.90 -9.75
N GLY A 87 -4.90 9.72 -9.58
CA GLY A 87 -5.14 11.08 -9.15
C GLY A 87 -3.88 11.72 -8.61
N GLN A 88 -4.07 12.86 -7.97
CA GLN A 88 -2.94 13.70 -7.58
C GLN A 88 -2.14 13.09 -6.45
N VAL A 89 -0.84 13.37 -6.50
CA VAL A 89 0.15 12.85 -5.57
C VAL A 89 1.10 13.99 -5.24
N VAL A 90 1.32 14.25 -3.95
CA VAL A 90 2.17 15.38 -3.61
C VAL A 90 3.64 14.96 -3.51
N GLN A 91 3.91 13.77 -2.98
CA GLN A 91 5.30 13.34 -2.82
C GLN A 91 5.78 12.54 -4.01
N THR A 92 7.06 12.70 -4.34
CA THR A 92 7.65 11.91 -5.40
C THR A 92 7.76 10.44 -5.01
N LEU A 93 7.97 9.61 -6.03
CA LEU A 93 8.26 8.20 -5.80
C LEU A 93 9.37 8.04 -4.77
N GLU A 94 10.44 8.81 -4.91
CA GLU A 94 11.58 8.63 -4.01
C GLU A 94 11.20 9.02 -2.59
N GLU A 95 10.42 10.10 -2.44
CA GLU A 95 9.98 10.52 -1.12
C GLU A 95 9.06 9.48 -0.49
N ARG A 96 8.09 8.98 -1.25
CA ARG A 96 7.15 8.02 -0.71
C ARG A 96 7.87 6.75 -0.31
N THR A 97 8.86 6.35 -1.11
CA THR A 97 9.62 5.14 -0.83
C THR A 97 10.49 5.34 0.40
N GLU A 98 11.14 6.51 0.53
CA GLU A 98 12.04 6.71 1.65
C GLU A 98 11.28 6.71 2.97
N THR A 99 10.05 7.24 2.98
CA THR A 99 9.29 7.21 4.23
C THR A 99 8.89 5.78 4.58
N LEU A 100 8.47 5.01 3.57
CA LEU A 100 8.05 3.62 3.80
C LEU A 100 9.13 2.77 4.44
N LYS A 101 10.40 3.03 4.12
CA LYS A 101 11.47 2.18 4.66
C LYS A 101 11.56 2.22 6.17
N HIS A 102 10.96 3.23 6.82
CA HIS A 102 11.00 3.37 8.26
C HIS A 102 9.92 2.57 8.97
N ILE A 103 9.01 1.93 8.23
CA ILE A 103 7.88 1.23 8.81
C ILE A 103 8.29 -0.20 9.14
N ARG A 104 8.06 -0.62 10.37
CA ARG A 104 8.65 -1.87 10.83
C ARG A 104 8.10 -3.11 10.13
N TRP A 105 6.92 -3.02 9.53
CA TRP A 105 6.31 -4.17 8.86
C TRP A 105 6.88 -4.43 7.47
N VAL A 106 7.60 -3.46 6.91
CA VAL A 106 8.05 -3.53 5.52
C VAL A 106 9.37 -4.27 5.46
N ASP A 107 9.39 -5.39 4.75
CA ASP A 107 10.62 -6.15 4.60
C ASP A 107 11.34 -5.85 3.29
N GLU A 108 10.61 -5.57 2.21
CA GLU A 108 11.22 -5.28 0.94
C GLU A 108 10.32 -4.30 0.23
N ILE A 109 10.90 -3.44 -0.60
CA ILE A 109 10.13 -2.49 -1.37
C ILE A 109 10.52 -2.64 -2.82
N ILE A 110 9.51 -2.62 -3.69
CA ILE A 110 9.70 -2.55 -5.13
C ILE A 110 9.26 -1.16 -5.55
N SER A 111 10.21 -0.35 -5.98
CA SER A 111 9.96 1.07 -6.22
C SER A 111 10.66 1.51 -7.49
N PRO A 112 9.92 1.83 -8.56
CA PRO A 112 8.47 1.77 -8.71
C PRO A 112 7.99 0.35 -8.94
N CYS A 113 6.76 0.09 -8.58
CA CYS A 113 6.15 -1.18 -8.89
C CYS A 113 5.33 -1.06 -10.16
N PRO A 114 4.96 -2.18 -10.76
CA PRO A 114 4.06 -2.12 -11.92
C PRO A 114 2.70 -1.61 -11.50
N TRP A 115 2.07 -0.88 -12.43
CA TRP A 115 0.71 -0.40 -12.17
C TRP A 115 -0.28 -1.56 -12.08
N VAL A 116 -0.09 -2.61 -12.88
CA VAL A 116 -0.98 -3.77 -12.90
C VAL A 116 -0.18 -5.00 -12.50
N VAL A 117 -0.67 -5.73 -11.50
CA VAL A 117 -0.04 -6.99 -11.10
C VAL A 117 -0.35 -8.07 -12.12
N THR A 118 0.68 -8.83 -12.50
CA THR A 118 0.56 -9.93 -13.44
C THR A 118 0.99 -11.24 -12.78
N PRO A 119 0.56 -12.38 -13.31
CA PRO A 119 1.06 -13.66 -12.76
C PRO A 119 2.56 -13.80 -12.93
N GLU A 120 3.12 -13.26 -14.01
CA GLU A 120 4.56 -13.33 -14.20
C GLU A 120 5.29 -12.56 -13.11
N PHE A 121 4.71 -11.45 -12.66
CA PHE A 121 5.31 -10.70 -11.57
C PHE A 121 5.36 -11.53 -10.30
N LEU A 122 4.26 -12.21 -9.98
CA LEU A 122 4.23 -13.04 -8.79
C LEU A 122 5.28 -14.14 -8.87
N GLU A 123 5.42 -14.74 -10.05
CA GLU A 123 6.44 -15.77 -10.23
C GLU A 123 7.84 -15.18 -10.08
N LYS A 124 8.09 -14.00 -10.67
CA LYS A 124 9.41 -13.39 -10.62
C LYS A 124 9.87 -13.13 -9.20
N TYR A 125 9.00 -12.59 -8.35
CA TYR A 125 9.36 -12.23 -6.99
C TYR A 125 8.95 -13.30 -5.99
N LYS A 126 8.50 -14.46 -6.46
CA LYS A 126 8.15 -15.59 -5.61
C LYS A 126 7.13 -15.17 -4.55
N ILE A 127 6.09 -14.47 -5.00
CA ILE A 127 5.04 -13.96 -4.14
C ILE A 127 3.97 -15.01 -3.99
N ASP A 128 3.63 -15.34 -2.74
CA ASP A 128 2.58 -16.33 -2.49
C ASP A 128 1.18 -15.71 -2.49
N TYR A 129 1.02 -14.55 -1.86
CA TYR A 129 -0.30 -13.91 -1.79
C TYR A 129 -0.16 -12.42 -2.03
N VAL A 130 -1.20 -11.83 -2.60
CA VAL A 130 -1.32 -10.38 -2.73
C VAL A 130 -2.34 -9.91 -1.70
N ALA A 131 -1.93 -8.97 -0.84
CA ALA A 131 -2.80 -8.39 0.17
C ALA A 131 -3.46 -7.17 -0.45
N HIS A 132 -4.78 -7.16 -0.49
CA HIS A 132 -5.51 -6.24 -1.36
C HIS A 132 -6.75 -5.75 -0.61
N ASP A 133 -7.13 -4.49 -0.83
CA ASP A 133 -8.38 -4.02 -0.22
C ASP A 133 -9.53 -4.20 -1.19
N ASP A 144 -14.22 -7.60 -12.68
CA ASP A 144 -13.26 -7.77 -11.59
C ASP A 144 -11.86 -8.04 -12.13
N ILE A 145 -11.02 -7.01 -12.25
CA ILE A 145 -9.70 -7.17 -12.80
C ILE A 145 -8.82 -8.04 -11.92
N TYR A 146 -9.26 -8.31 -10.69
CA TYR A 146 -8.52 -9.14 -9.75
C TYR A 146 -9.07 -10.55 -9.68
N ALA A 147 -10.01 -10.89 -10.55
CA ALA A 147 -10.57 -12.25 -10.54
C ALA A 147 -9.48 -13.31 -10.62
N TRP A 148 -8.47 -13.08 -11.45
CA TRP A 148 -7.43 -14.10 -11.63
C TRP A 148 -6.69 -14.37 -10.32
N LEU A 149 -6.48 -13.33 -9.50
CA LEU A 149 -5.84 -13.54 -8.22
C LEU A 149 -6.71 -14.41 -7.31
N LYS A 150 -8.01 -14.16 -7.31
CA LYS A 150 -8.92 -14.94 -6.48
C LYS A 150 -8.99 -16.38 -6.96
N ARG A 151 -9.09 -16.60 -8.27
CA ARG A 151 -9.10 -17.96 -8.80
C ARG A 151 -7.83 -18.72 -8.45
N ALA A 152 -6.71 -18.01 -8.31
CA ALA A 152 -5.44 -18.65 -7.99
C ALA A 152 -5.28 -18.92 -6.49
N GLY A 153 -6.21 -18.46 -5.67
CA GLY A 153 -6.05 -18.55 -4.24
C GLY A 153 -5.07 -17.57 -3.64
N LYS A 154 -4.72 -16.52 -4.39
CA LYS A 154 -3.65 -15.61 -3.97
C LYS A 154 -4.16 -14.24 -3.56
N PHE A 155 -5.47 -14.08 -3.33
CA PHE A 155 -6.05 -12.82 -2.92
C PHE A 155 -6.35 -12.87 -1.43
N LYS A 156 -5.74 -11.98 -0.65
CA LYS A 156 -6.01 -11.85 0.77
C LYS A 156 -6.48 -10.42 1.05
N ALA A 157 -7.68 -10.30 1.60
CA ALA A 157 -8.25 -8.98 1.84
C ALA A 157 -7.59 -8.32 3.02
N THR A 158 -7.36 -7.01 2.89
CA THR A 158 -7.01 -6.15 3.98
C THR A 158 -8.00 -4.99 4.00
N GLN A 159 -8.03 -4.26 5.10
CA GLN A 159 -9.01 -3.20 5.28
C GLN A 159 -8.34 -1.84 5.32
N ARG A 160 -9.08 -0.84 4.85
CA ARG A 160 -8.71 0.56 4.96
C ARG A 160 -9.35 1.15 6.20
N THR A 161 -8.60 1.94 6.94
CA THR A 161 -9.15 2.65 8.10
C THR A 161 -9.59 4.03 7.66
N GLU A 162 -10.80 4.41 8.06
CA GLU A 162 -11.34 5.73 7.77
CA GLU A 162 -11.29 5.75 7.75
C GLU A 162 -10.98 6.72 8.87
N GLY A 163 -10.89 8.00 8.49
CA GLY A 163 -10.72 9.09 9.42
C GLY A 163 -9.37 9.22 10.09
N VAL A 164 -8.30 8.66 9.50
CA VAL A 164 -6.99 8.73 10.12
C VAL A 164 -5.94 9.24 9.13
N SER A 165 -6.37 9.91 8.08
CA SER A 165 -5.42 10.26 7.04
C SER A 165 -4.71 11.58 7.39
N THR A 166 -3.69 11.88 6.59
CA THR A 166 -2.97 13.13 6.78
C THR A 166 -3.85 14.32 6.46
N THR A 167 -4.60 14.25 5.37
CA THR A 167 -5.50 15.36 5.08
C THR A 167 -6.54 15.51 6.18
N ASP A 168 -6.99 14.42 6.80
CA ASP A 168 -7.92 14.54 7.92
C ASP A 168 -7.31 15.39 9.04
N LEU A 169 -6.00 15.27 9.26
CA LEU A 169 -5.37 16.07 10.30
C LEU A 169 -5.40 17.55 9.95
N ILE A 170 -5.16 17.88 8.68
CA ILE A 170 -5.23 19.28 8.27
C ILE A 170 -6.64 19.84 8.40
N VAL A 171 -7.65 19.05 8.04
CA VAL A 171 -9.03 19.48 8.27
C VAL A 171 -9.24 19.81 9.75
N ARG A 172 -8.69 18.95 10.63
CA ARG A 172 -8.80 19.25 12.06
CA ARG A 172 -8.70 19.19 12.08
C ARG A 172 -8.15 20.57 12.41
N ILE A 173 -6.98 20.89 11.83
CA ILE A 173 -6.33 22.18 12.07
C ILE A 173 -7.25 23.32 11.64
N LEU A 174 -7.83 23.20 10.45
CA LEU A 174 -8.64 24.27 9.90
C LEU A 174 -9.88 24.52 10.75
N LYS A 175 -10.37 23.50 11.46
CA LYS A 175 -11.59 23.68 12.24
C LYS A 175 -11.39 24.64 13.41
N ASN A 176 -10.15 24.95 13.78
CA ASN A 176 -9.93 25.94 14.82
C ASN A 176 -10.30 27.35 14.38
N TYR A 177 -10.58 27.56 13.10
CA TYR A 177 -10.87 28.88 12.56
C TYR A 177 -12.34 28.92 12.16
N GLU A 178 -13.13 29.66 12.94
CA GLU A 178 -14.57 29.61 12.77
C GLU A 178 -14.95 30.36 11.50
N ASP A 179 -16.01 29.88 10.85
CA ASP A 179 -16.53 30.59 9.68
C ASP A 179 -16.86 32.05 9.99
N TYR A 180 -17.39 32.30 11.19
CA TYR A 180 -17.85 33.64 11.56
C TYR A 180 -17.33 33.99 12.93
C GZ6 B . -1.54 -0.44 -8.03
N1 GZ6 B . -1.90 -0.08 -6.76
N2 GZ6 B . -1.94 0.37 -9.03
N3 GZ6 B . -0.82 -1.47 -8.34
H1 GZ6 B . -1.65 -0.61 -5.92
H2 GZ6 B . -2.49 1.20 -8.81
H3 GZ6 B . -1.70 0.14 -9.99
H4 GZ6 B . -0.56 -1.58 -9.32
H6 GZ6 B . -2.44 0.75 -6.52
C GZ6 C . 11.14 -12.18 -1.80
N1 GZ6 C . 10.85 -13.42 -2.23
N2 GZ6 C . 11.50 -12.11 -0.49
N3 GZ6 C . 11.03 -11.22 -2.67
H1 GZ6 C . 10.56 -13.56 -3.20
H2 GZ6 C . 11.56 -12.91 0.15
H3 GZ6 C . 11.75 -11.25 0.00
H4 GZ6 C . 11.24 -10.28 -2.33
H6 GZ6 C . 10.92 -14.19 -1.58
C GZ6 D . -7.53 11.12 -12.26
N1 GZ6 D . -8.34 10.07 -12.46
N2 GZ6 D . -8.05 12.15 -11.51
N3 GZ6 D . -6.33 11.13 -12.76
H1 GZ6 D . -8.02 9.29 -13.01
H2 GZ6 D . -7.55 13.01 -11.29
H3 GZ6 D . -8.99 12.16 -11.11
H4 GZ6 D . -6.06 10.29 -13.27
H6 GZ6 D . -9.28 10.08 -12.06
C GZ6 E . 3.97 12.64 6.30
N1 GZ6 E . 4.54 11.57 5.72
N2 GZ6 E . 4.83 13.69 6.53
N3 GZ6 E . 2.71 12.62 6.58
H1 GZ6 E . 3.99 10.75 5.52
H2 GZ6 E . 5.82 13.68 6.30
H3 GZ6 E . 4.57 14.57 6.95
H4 GZ6 E . 2.20 11.78 6.34
H6 GZ6 E . 5.54 11.58 5.50
C02 9OI F . 14.23 3.64 -4.62
C03 9OI F . 14.25 4.83 -5.56
C04 9OI F . 15.34 5.67 -5.81
C06 9OI F . 13.61 6.35 -7.03
N01 9OI F . 14.71 3.99 -3.29
N07 9OI F . 13.16 5.28 -6.33
O05 9OI F . 14.94 6.63 -6.73
H021 9OI F . 13.37 3.28 -4.55
H022 9OI F . 14.77 2.95 -4.96
H041 9OI F . 16.22 5.69 -5.51
H061 9OI F . 13.12 6.86 -7.63
H011 9OI F . 14.68 4.84 -3.13
H012 9OI F . 15.50 3.71 -3.12
C02 9OI G . -16.03 22.10 7.88
C03 9OI G . -14.56 22.53 8.04
C04 9OI G . -13.98 23.75 7.70
C06 9OI G . -12.41 22.44 8.55
N01 9OI G . -16.95 23.23 7.64
N07 9OI G . -13.54 21.72 8.58
O05 9OI G . -12.62 23.71 8.01
H021 9OI G . -16.10 21.50 7.16
H022 9OI G . -16.31 21.63 8.64
H041 9OI G . -14.32 24.54 7.32
H061 9OI G . -11.57 22.17 8.83
H011 9OI G . -16.96 23.81 8.28
H012 9OI G . -16.81 23.64 6.90
#